data_6C9V
#
_entry.id   6C9V
#
_cell.length_a   50.084
_cell.length_b   50.084
_cell.length_c   264.752
_cell.angle_alpha   90.00
_cell.angle_beta   90.00
_cell.angle_gamma   90.00
#
_symmetry.space_group_name_H-M   'P 41'
#
loop_
_entity.id
_entity.type
_entity.pdbx_description
1 polymer 'Adenosine kinase'
2 non-polymer (2R,3S,4R,5R)-2-(hydroxymethyl)-5-[6-(4-phenylpiperazin-1-yl)-9H-purin-9-yl]tetrahydrofuran-3,4-diol
3 non-polymer 'SULFATE ION'
4 non-polymer 'SODIUM ION'
5 non-polymer GLYCEROL
6 water water
#
_entity_poly.entity_id   1
_entity_poly.type   'polypeptide(L)'
_entity_poly.pdbx_seq_one_letter_code
;MTIAVTGSIATDHLMRFPGRFSEQLLPEHLHKVSLSFLVDDLVMHRGGVAGNMAFAIGVLGGEVALVGAAGADFADYRDW
LKARGVNCDHVLISETAHTARFTCTTDVDMAQIASFYPGAMSEARNIKLADVVSAIGKPELVIIGANDPEAMFLHTEECR
KLGLAFAADPSQQLARLSGEEIRRLVNGAAYLFTNDYEWDLLLSKTGWSEADVMAQIDLRVTTLGPKGVDLVEPDGTTIH
VGVVPETSQTDPTGVGDAFRAGFLTGRSAGLGLERSAQLGSLVAVLVLESTGTQEWQWDYEAAASRLAGAYGEHAAAEIV
AVLA
;
_entity_poly.pdbx_strand_id   A,B
#
# COMPACT_ATOMS: atom_id res chain seq x y z
N THR A 2 -6.63 -3.24 35.90
CA THR A 2 -7.09 -3.84 34.65
C THR A 2 -7.55 -2.82 33.61
N ILE A 3 -6.82 -2.76 32.50
CA ILE A 3 -7.04 -1.75 31.47
C ILE A 3 -7.77 -2.44 30.33
N ALA A 4 -8.87 -1.84 29.88
CA ALA A 4 -9.55 -2.25 28.66
C ALA A 4 -9.15 -1.31 27.55
N VAL A 5 -8.58 -1.86 26.46
CA VAL A 5 -8.11 -1.07 25.33
C VAL A 5 -9.08 -1.26 24.18
N THR A 6 -9.79 -0.20 23.82
CA THR A 6 -10.62 -0.20 22.62
C THR A 6 -9.94 0.58 21.50
N GLY A 7 -10.18 0.12 20.28
CA GLY A 7 -9.65 0.78 19.11
C GLY A 7 -9.37 -0.25 18.03
N SER A 8 -8.62 0.18 17.03
CA SER A 8 -8.44 -0.63 15.85
C SER A 8 -7.53 -1.83 16.11
N ILE A 9 -7.80 -2.88 15.34
CA ILE A 9 -7.00 -4.08 15.27
C ILE A 9 -6.70 -4.27 13.79
N ALA A 10 -5.43 -4.39 13.43
CA ALA A 10 -5.08 -4.39 12.02
C ALA A 10 -3.86 -5.25 11.71
N THR A 11 -3.65 -5.46 10.42
CA THR A 11 -2.38 -5.90 9.87
C THR A 11 -1.74 -4.69 9.19
N ASP A 12 -0.47 -4.41 9.51
CA ASP A 12 0.26 -3.30 8.94
C ASP A 12 1.21 -3.82 7.88
N HIS A 13 1.08 -3.31 6.67
CA HIS A 13 1.98 -3.61 5.55
C HIS A 13 2.86 -2.38 5.40
N LEU A 14 4.12 -2.48 5.86
CA LEU A 14 5.00 -1.34 6.02
C LEU A 14 6.15 -1.42 5.03
N MET A 15 6.32 -0.34 4.26
CA MET A 15 7.34 -0.25 3.23
C MET A 15 8.24 0.95 3.50
N ARG A 16 9.45 0.85 2.97
CA ARG A 16 10.46 1.88 3.13
C ARG A 16 10.84 2.42 1.74
N PHE A 17 10.71 3.72 1.58
CA PHE A 17 11.17 4.44 0.42
C PHE A 17 12.53 5.08 0.70
N PRO A 18 13.58 4.72 -0.04
CA PRO A 18 14.92 5.27 0.27
C PRO A 18 15.06 6.76 -0.05
N GLY A 19 14.15 7.34 -0.78
CA GLY A 19 14.20 8.75 -1.12
C GLY A 19 13.41 9.64 -0.20
N ARG A 20 13.04 10.80 -0.73
CA ARG A 20 12.26 11.79 0.00
C ARG A 20 11.00 12.06 -0.79
N PHE A 21 9.85 11.94 -0.12
CA PHE A 21 8.59 12.22 -0.82
C PHE A 21 8.61 13.62 -1.41
N SER A 22 9.28 14.57 -0.72
CA SER A 22 9.50 15.92 -1.24
C SER A 22 9.81 15.91 -2.73
N GLU A 23 10.71 15.01 -3.15
CA GLU A 23 11.21 15.02 -4.51
C GLU A 23 10.15 14.63 -5.54
N GLN A 24 9.04 14.03 -5.14
CA GLN A 24 8.00 13.66 -6.10
C GLN A 24 6.73 14.48 -5.85
N VAL A 33 -2.05 13.39 -11.29
CA VAL A 33 -1.29 12.79 -10.17
C VAL A 33 -1.14 11.27 -10.35
N SER A 34 0.12 10.81 -10.40
CA SER A 34 0.48 9.41 -10.63
C SER A 34 1.84 9.18 -9.98
N LEU A 35 1.82 9.07 -8.65
CA LEU A 35 3.04 8.89 -7.88
C LEU A 35 3.41 7.42 -7.84
N SER A 36 4.70 7.12 -8.02
CA SER A 36 5.16 5.74 -7.92
C SER A 36 6.47 5.73 -7.13
N PHE A 37 6.48 4.98 -6.03
CA PHE A 37 7.65 4.87 -5.17
C PHE A 37 8.23 3.47 -5.28
N LEU A 38 9.51 3.39 -5.69
CA LEU A 38 10.23 2.13 -5.68
C LEU A 38 10.77 1.92 -4.25
N VAL A 39 10.27 0.90 -3.54
CA VAL A 39 10.60 0.72 -2.13
C VAL A 39 11.57 -0.44 -2.00
N ASP A 40 12.33 -0.45 -0.89
CA ASP A 40 13.36 -1.48 -0.72
C ASP A 40 13.12 -2.37 0.48
N ASP A 41 11.94 -2.30 1.08
CA ASP A 41 11.58 -3.15 2.21
C ASP A 41 10.06 -3.25 2.20
N LEU A 42 9.54 -4.45 2.48
CA LEU A 42 8.10 -4.71 2.61
C LEU A 42 7.94 -5.78 3.67
N VAL A 43 7.29 -5.43 4.77
CA VAL A 43 7.08 -6.38 5.85
C VAL A 43 5.65 -6.27 6.34
N MET A 44 5.13 -7.38 6.85
CA MET A 44 3.74 -7.46 7.31
C MET A 44 3.76 -7.79 8.80
N HIS A 45 3.09 -6.95 9.59
CA HIS A 45 3.21 -7.00 11.04
C HIS A 45 1.85 -6.81 11.70
N ARG A 46 1.79 -7.22 12.97
CA ARG A 46 0.61 -7.00 13.80
C ARG A 46 0.46 -5.53 14.13
N GLY A 47 -0.77 -5.01 14.04
CA GLY A 47 -1.03 -3.60 14.25
C GLY A 47 -2.43 -3.26 14.74
N GLY A 48 -2.82 -2.00 14.49
CA GLY A 48 -4.04 -1.43 15.02
C GLY A 48 -3.70 -0.73 16.32
N VAL A 49 -4.31 0.44 16.59
CA VAL A 49 -3.89 1.17 17.79
C VAL A 49 -4.14 0.34 19.04
N ALA A 50 -5.28 -0.34 19.10
CA ALA A 50 -5.62 -1.08 20.31
C ALA A 50 -4.76 -2.32 20.47
N GLY A 51 -4.49 -3.03 19.38
CA GLY A 51 -3.55 -4.13 19.48
C GLY A 51 -2.18 -3.68 19.95
N ASN A 52 -1.68 -2.56 19.41
CA ASN A 52 -0.36 -2.06 19.79
C ASN A 52 -0.31 -1.73 21.28
N MET A 53 -1.32 -1.01 21.78
CA MET A 53 -1.30 -0.62 23.17
C MET A 53 -1.47 -1.83 24.09
N ALA A 54 -2.36 -2.76 23.72
CA ALA A 54 -2.53 -3.96 24.54
C ALA A 54 -1.26 -4.80 24.59
N PHE A 55 -0.61 -4.98 23.44
CA PHE A 55 0.66 -5.70 23.39
C PHE A 55 1.66 -5.10 24.36
N ALA A 56 1.86 -3.79 24.29
CA ALA A 56 2.86 -3.17 25.17
C ALA A 56 2.48 -3.29 26.64
N ILE A 57 1.20 -3.07 26.99
CA ILE A 57 0.82 -3.20 28.39
C ILE A 57 1.07 -4.63 28.88
N GLY A 58 0.77 -5.62 28.04
CA GLY A 58 0.99 -7.01 28.41
C GLY A 58 2.45 -7.34 28.58
N VAL A 59 3.29 -6.92 27.62
CA VAL A 59 4.73 -7.16 27.71
C VAL A 59 5.31 -6.56 28.98
N LEU A 60 4.80 -5.40 29.39
CA LEU A 60 5.30 -4.74 30.58
C LEU A 60 4.74 -5.32 31.87
N GLY A 61 3.89 -6.33 31.79
CA GLY A 61 3.37 -6.98 32.98
C GLY A 61 2.05 -6.45 33.49
N GLY A 62 1.39 -5.57 32.76
CA GLY A 62 0.11 -5.04 33.18
C GLY A 62 -1.03 -6.00 32.91
N GLU A 63 -2.19 -5.66 33.48
CA GLU A 63 -3.42 -6.42 33.31
C GLU A 63 -4.27 -5.75 32.24
N VAL A 64 -4.53 -6.45 31.14
CA VAL A 64 -5.09 -5.76 29.99
C VAL A 64 -5.99 -6.69 29.19
N ALA A 65 -7.06 -6.11 28.66
CA ALA A 65 -8.01 -6.77 27.78
C ALA A 65 -8.15 -5.95 26.52
N LEU A 66 -8.07 -6.63 25.38
CA LEU A 66 -8.24 -6.01 24.07
C LEU A 66 -9.69 -6.12 23.64
N VAL A 67 -10.28 -4.99 23.30
CA VAL A 67 -11.70 -4.91 22.94
C VAL A 67 -11.86 -4.14 21.62
N GLY A 68 -12.03 -4.88 20.52
CA GLY A 68 -12.23 -4.32 19.20
C GLY A 68 -12.67 -5.44 18.27
N ALA A 69 -12.81 -5.10 16.99
CA ALA A 69 -13.36 -6.03 16.01
C ALA A 69 -12.29 -6.44 15.00
N ALA A 70 -12.29 -7.72 14.68
CA ALA A 70 -11.34 -8.30 13.73
C ALA A 70 -12.08 -9.33 12.89
N GLY A 71 -11.38 -9.91 11.92
CA GLY A 71 -11.91 -10.97 11.09
C GLY A 71 -11.50 -12.36 11.58
N ALA A 72 -11.98 -13.39 10.86
CA ALA A 72 -11.67 -14.76 11.27
C ALA A 72 -10.17 -15.06 11.14
N ASP A 73 -9.44 -14.28 10.36
CA ASP A 73 -8.00 -14.42 10.22
C ASP A 73 -7.19 -14.13 11.48
N PHE A 74 -7.87 -13.76 12.56
CA PHE A 74 -7.25 -13.24 13.79
C PHE A 74 -6.58 -14.30 14.65
N ALA A 75 -6.72 -15.59 14.32
CA ALA A 75 -6.29 -16.63 15.27
C ALA A 75 -4.83 -16.47 15.67
N ASP A 76 -3.94 -16.33 14.71
CA ASP A 76 -2.52 -16.26 15.06
C ASP A 76 -2.23 -15.00 15.88
N TYR A 77 -2.82 -13.87 15.49
CA TYR A 77 -2.65 -12.64 16.25
C TYR A 77 -3.12 -12.87 17.66
N ARG A 78 -4.27 -13.54 17.81
CA ARG A 78 -4.77 -13.84 19.13
C ARG A 78 -3.73 -14.58 19.94
N ASP A 79 -3.13 -15.63 19.36
CA ASP A 79 -2.18 -16.43 20.14
C ASP A 79 -1.00 -15.58 20.57
N TRP A 80 -0.50 -14.75 19.65
CA TRP A 80 0.59 -13.82 19.93
C TRP A 80 0.27 -12.97 21.14
N LEU A 81 -0.91 -12.37 21.14
CA LEU A 81 -1.21 -11.45 22.22
C LEU A 81 -1.42 -12.22 23.50
N LYS A 82 -2.05 -13.40 23.40
CA LYS A 82 -2.33 -14.15 24.62
C LYS A 82 -1.02 -14.55 25.28
N ALA A 83 0.01 -14.81 24.46
CA ALA A 83 1.29 -15.24 25.01
C ALA A 83 1.95 -14.13 25.81
N ARG A 84 1.50 -12.89 25.66
CA ARG A 84 2.04 -11.75 26.38
C ARG A 84 1.07 -11.22 27.43
N GLY A 85 0.06 -12.03 27.79
CA GLY A 85 -0.84 -11.72 28.89
C GLY A 85 -2.08 -10.94 28.53
N VAL A 86 -2.36 -10.74 27.26
CA VAL A 86 -3.50 -9.96 26.85
C VAL A 86 -4.72 -10.86 26.82
N ASN A 87 -5.79 -10.42 27.47
CA ASN A 87 -7.09 -11.07 27.39
C ASN A 87 -7.74 -10.69 26.07
N CYS A 88 -7.91 -11.66 25.17
CA CYS A 88 -8.55 -11.39 23.89
C CYS A 88 -9.97 -11.97 23.80
N ASP A 89 -10.55 -12.41 24.92
CA ASP A 89 -11.89 -12.96 24.90
C ASP A 89 -12.95 -12.05 24.27
N HIS A 90 -12.78 -10.73 24.40
CA HIS A 90 -13.81 -9.79 23.99
C HIS A 90 -13.49 -9.12 22.66
N VAL A 91 -12.62 -9.73 21.87
CA VAL A 91 -12.47 -9.33 20.49
C VAL A 91 -13.66 -9.88 19.70
N LEU A 92 -14.41 -8.98 19.06
CA LEU A 92 -15.52 -9.37 18.21
C LEU A 92 -14.97 -9.90 16.89
N ILE A 93 -15.41 -11.08 16.48
CA ILE A 93 -14.89 -11.70 15.25
C ILE A 93 -16.00 -11.62 14.22
N SER A 94 -15.71 -10.96 13.10
CA SER A 94 -16.71 -10.78 12.07
C SER A 94 -17.06 -12.14 11.44
N GLU A 95 -18.33 -12.29 11.07
CA GLU A 95 -18.74 -13.48 10.34
C GLU A 95 -18.21 -13.47 8.91
N THR A 96 -17.92 -12.28 8.34
CA THR A 96 -17.61 -12.16 6.93
C THR A 96 -16.40 -11.29 6.62
N ALA A 97 -16.11 -10.26 7.41
CA ALA A 97 -15.10 -9.27 7.06
C ALA A 97 -13.71 -9.70 7.52
N HIS A 98 -12.70 -9.20 6.80
CA HIS A 98 -11.31 -9.43 7.15
C HIS A 98 -10.85 -8.34 8.12
N THR A 99 -9.85 -8.66 8.93
CA THR A 99 -9.20 -7.67 9.78
C THR A 99 -8.73 -6.47 8.95
N ALA A 100 -8.86 -5.27 9.52
CA ALA A 100 -8.41 -4.05 8.87
C ALA A 100 -6.98 -4.19 8.37
N ARG A 101 -6.65 -3.40 7.32
CA ARG A 101 -5.28 -3.31 6.83
C ARG A 101 -4.80 -1.87 6.73
N PHE A 102 -3.60 -1.62 7.26
CA PHE A 102 -2.91 -0.36 7.16
C PHE A 102 -1.74 -0.59 6.22
N THR A 103 -1.66 0.20 5.16
CA THR A 103 -0.59 0.12 4.18
C THR A 103 0.15 1.45 4.21
N CYS A 104 1.45 1.40 4.44
CA CYS A 104 2.17 2.63 4.70
C CYS A 104 3.54 2.55 4.05
N THR A 105 3.96 3.68 3.46
CA THR A 105 5.32 3.88 2.98
C THR A 105 5.95 5.03 3.73
N THR A 106 7.17 4.81 4.25
CA THR A 106 7.89 5.80 5.07
C THR A 106 9.18 6.15 4.33
N ASP A 107 9.48 7.45 4.24
CA ASP A 107 10.67 7.88 3.52
C ASP A 107 11.83 8.11 4.48
N VAL A 108 12.97 8.55 3.95
CA VAL A 108 14.17 8.57 4.78
C VAL A 108 14.07 9.57 5.92
N ASP A 109 13.17 10.56 5.84
CA ASP A 109 12.97 11.55 6.89
C ASP A 109 11.78 11.22 7.79
N MET A 110 11.27 10.00 7.73
CA MET A 110 10.15 9.51 8.53
C MET A 110 8.82 10.13 8.12
N ALA A 111 8.74 10.76 6.96
CA ALA A 111 7.44 11.15 6.42
C ALA A 111 6.69 9.90 5.94
N GLN A 112 5.35 9.98 5.91
CA GLN A 112 4.58 8.79 5.59
C GLN A 112 3.44 9.07 4.62
N ILE A 113 3.19 8.10 3.73
CA ILE A 113 2.00 8.08 2.87
C ILE A 113 1.31 6.74 3.08
N ALA A 114 0.05 6.76 3.50
CA ALA A 114 -0.62 5.56 3.94
C ALA A 114 -2.05 5.50 3.44
N SER A 115 -2.56 4.27 3.32
CA SER A 115 -3.96 3.97 3.07
C SER A 115 -4.47 3.00 4.12
N PHE A 116 -5.71 3.23 4.61
CA PHE A 116 -6.28 2.40 5.66
C PHE A 116 -7.62 1.83 5.21
N TYR A 117 -7.72 0.49 5.18
CA TYR A 117 -8.94 -0.22 4.81
C TYR A 117 -9.58 -0.76 6.08
N PRO A 118 -10.77 -0.30 6.48
CA PRO A 118 -11.25 -0.67 7.83
C PRO A 118 -11.72 -2.10 7.94
N GLY A 119 -12.30 -2.67 6.90
CA GLY A 119 -12.76 -4.03 7.07
C GLY A 119 -13.66 -4.21 8.28
N ALA A 120 -13.33 -5.24 9.07
CA ALA A 120 -14.10 -5.63 10.24
C ALA A 120 -14.16 -4.55 11.31
N MET A 121 -13.26 -3.56 11.25
CA MET A 121 -13.29 -2.49 12.24
C MET A 121 -14.67 -1.86 12.33
N SER A 122 -15.41 -1.78 11.20
CA SER A 122 -16.71 -1.13 11.28
C SER A 122 -17.66 -1.82 12.25
N GLU A 123 -17.47 -3.11 12.49
CA GLU A 123 -18.34 -3.87 13.39
C GLU A 123 -18.07 -3.60 14.86
N ALA A 124 -17.04 -2.81 15.19
CA ALA A 124 -16.84 -2.52 16.60
C ALA A 124 -18.03 -1.79 17.22
N ARG A 125 -18.86 -1.09 16.44
CA ARG A 125 -20.05 -0.44 16.98
C ARG A 125 -21.01 -1.44 17.60
N ASN A 126 -20.87 -2.74 17.29
CA ASN A 126 -21.75 -3.72 17.90
C ASN A 126 -21.23 -4.26 19.23
N ILE A 127 -20.06 -3.80 19.71
CA ILE A 127 -19.52 -4.24 20.99
C ILE A 127 -20.16 -3.47 22.14
N LYS A 128 -20.51 -4.19 23.22
CA LYS A 128 -21.05 -3.60 24.44
C LYS A 128 -20.06 -3.80 25.58
N LEU A 129 -19.57 -2.68 26.15
CA LEU A 129 -18.63 -2.79 27.25
C LEU A 129 -19.30 -3.45 28.46
N ALA A 130 -20.62 -3.34 28.58
CA ALA A 130 -21.31 -4.01 29.68
C ALA A 130 -21.03 -5.50 29.70
N ASP A 131 -20.93 -6.11 28.51
CA ASP A 131 -20.63 -7.54 28.44
C ASP A 131 -19.20 -7.82 28.90
N VAL A 132 -18.26 -6.95 28.54
CA VAL A 132 -16.91 -7.08 29.08
C VAL A 132 -16.95 -7.03 30.60
N VAL A 133 -17.67 -6.05 31.14
CA VAL A 133 -17.75 -5.88 32.58
C VAL A 133 -18.33 -7.14 33.22
N SER A 134 -19.37 -7.69 32.61
CA SER A 134 -19.97 -8.91 33.15
C SER A 134 -18.94 -10.01 33.24
N ALA A 135 -18.03 -10.07 32.26
CA ALA A 135 -17.03 -11.14 32.24
C ALA A 135 -15.87 -10.91 33.21
N ILE A 136 -15.31 -9.70 33.26
CA ILE A 136 -14.08 -9.46 34.02
C ILE A 136 -14.23 -8.39 35.08
N GLY A 137 -15.42 -7.83 35.28
CA GLY A 137 -15.59 -6.76 36.24
C GLY A 137 -15.30 -5.41 35.62
N LYS A 138 -15.49 -4.38 36.42
CA LYS A 138 -15.28 -3.02 35.96
C LYS A 138 -13.79 -2.76 35.72
N PRO A 139 -13.39 -2.38 34.51
CA PRO A 139 -11.99 -1.98 34.31
C PRO A 139 -11.69 -0.72 35.08
N GLU A 140 -10.43 -0.59 35.54
CA GLU A 140 -9.95 0.66 36.14
C GLU A 140 -9.86 1.79 35.12
N LEU A 141 -9.64 1.47 33.84
CA LEU A 141 -9.53 2.50 32.81
C LEU A 141 -9.88 1.86 31.48
N VAL A 142 -10.66 2.57 30.68
CA VAL A 142 -10.97 2.18 29.31
C VAL A 142 -10.27 3.18 28.40
N ILE A 143 -9.42 2.68 27.51
CA ILE A 143 -8.84 3.56 26.50
C ILE A 143 -9.76 3.60 25.28
N ILE A 144 -10.13 4.81 24.85
CA ILE A 144 -10.99 5.00 23.68
C ILE A 144 -10.11 5.44 22.51
N GLY A 145 -9.49 4.47 21.85
CA GLY A 145 -8.58 4.74 20.77
C GLY A 145 -9.28 4.85 19.45
N ALA A 146 -8.51 5.27 18.44
CA ALA A 146 -9.04 5.39 17.09
C ALA A 146 -9.71 4.08 16.69
N ASN A 147 -10.89 4.19 16.10
CA ASN A 147 -11.79 3.05 15.91
C ASN A 147 -12.85 3.44 14.90
N ASP A 148 -13.78 2.51 14.64
CA ASP A 148 -15.03 2.92 14.02
C ASP A 148 -15.59 4.13 14.77
N PRO A 149 -15.89 5.25 14.07
CA PRO A 149 -16.32 6.45 14.81
C PRO A 149 -17.53 6.21 15.69
N GLU A 150 -18.54 5.52 15.16
CA GLU A 150 -19.71 5.24 15.97
C GLU A 150 -19.35 4.45 17.21
N ALA A 151 -18.44 3.49 17.09
CA ALA A 151 -17.99 2.76 18.28
C ALA A 151 -17.31 3.68 19.29
N MET A 152 -16.50 4.63 18.83
CA MET A 152 -15.85 5.57 19.74
C MET A 152 -16.89 6.32 20.56
N PHE A 153 -17.93 6.82 19.89
CA PHE A 153 -18.99 7.49 20.61
C PHE A 153 -19.71 6.55 21.56
N LEU A 154 -20.14 5.39 21.07
CA LEU A 154 -20.92 4.48 21.90
C LEU A 154 -20.13 4.01 23.11
N HIS A 155 -18.83 3.73 22.93
CA HIS A 155 -18.00 3.30 24.04
C HIS A 155 -17.85 4.40 25.07
N THR A 156 -17.62 5.64 24.62
CA THR A 156 -17.49 6.75 25.57
C THR A 156 -18.79 6.91 26.37
N GLU A 157 -19.93 6.88 25.67
CA GLU A 157 -21.22 7.00 26.32
C GLU A 157 -21.43 5.90 27.33
N GLU A 158 -21.04 4.68 26.97
CA GLU A 158 -21.19 3.55 27.90
C GLU A 158 -20.30 3.71 29.11
N CYS A 159 -19.07 4.22 28.93
CA CYS A 159 -18.21 4.47 30.09
C CYS A 159 -18.88 5.44 31.05
N ARG A 160 -19.46 6.52 30.51
CA ARG A 160 -20.12 7.49 31.39
C ARG A 160 -21.28 6.81 32.13
N LYS A 161 -22.10 6.05 31.41
CA LYS A 161 -23.27 5.44 32.02
C LYS A 161 -22.89 4.44 33.09
N LEU A 162 -21.84 3.65 32.86
CA LEU A 162 -21.43 2.61 33.80
C LEU A 162 -20.45 3.12 34.84
N GLY A 163 -20.02 4.37 34.73
CA GLY A 163 -19.07 4.90 35.70
C GLY A 163 -17.67 4.34 35.54
N LEU A 164 -17.21 4.20 34.30
CA LEU A 164 -15.86 3.70 34.01
C LEU A 164 -14.97 4.87 33.64
N ALA A 165 -13.83 5.00 34.30
CA ALA A 165 -12.87 6.04 33.92
C ALA A 165 -12.41 5.75 32.51
N PHE A 166 -12.21 6.80 31.71
CA PHE A 166 -11.78 6.58 30.33
C PHE A 166 -10.74 7.60 29.88
N ALA A 167 -9.93 7.16 28.92
CA ALA A 167 -8.97 8.01 28.24
C ALA A 167 -9.45 8.28 26.82
N ALA A 168 -9.66 9.55 26.49
CA ALA A 168 -9.95 10.00 25.13
C ALA A 168 -8.65 9.99 24.34
N ASP A 169 -8.59 9.12 23.32
CA ASP A 169 -7.38 8.90 22.53
C ASP A 169 -7.74 8.84 21.05
N PRO A 170 -8.31 9.91 20.50
CA PRO A 170 -8.90 9.84 19.15
C PRO A 170 -7.94 9.93 17.99
N SER A 171 -6.72 10.38 18.23
CA SER A 171 -5.65 10.58 17.26
C SER A 171 -6.06 10.55 15.81
N GLN A 172 -5.94 9.39 15.16
CA GLN A 172 -6.06 9.32 13.72
C GLN A 172 -7.44 9.74 13.22
N GLN A 173 -8.46 9.70 14.07
CA GLN A 173 -9.80 10.07 13.62
C GLN A 173 -10.11 11.56 13.80
N LEU A 174 -9.22 12.34 14.39
CA LEU A 174 -9.56 13.72 14.68
C LEU A 174 -9.85 14.51 13.41
N ALA A 175 -9.18 14.21 12.29
CA ALA A 175 -9.46 15.01 11.11
C ALA A 175 -10.85 14.73 10.57
N ARG A 176 -11.33 13.49 10.70
CA ARG A 176 -12.63 13.08 10.16
C ARG A 176 -13.81 13.40 11.08
N LEU A 177 -13.57 13.63 12.36
CA LEU A 177 -14.68 13.93 13.26
C LEU A 177 -15.00 15.43 13.23
N SER A 178 -16.29 15.73 13.41
CA SER A 178 -16.76 17.10 13.50
C SER A 178 -16.43 17.68 14.88
N GLY A 179 -16.56 19.01 15.00
CA GLY A 179 -16.36 19.62 16.31
C GLY A 179 -17.27 19.04 17.38
N GLU A 180 -18.55 18.85 17.04
CA GLU A 180 -19.50 18.32 18.02
C GLU A 180 -19.14 16.90 18.44
N GLU A 181 -18.74 16.07 17.46
CA GLU A 181 -18.34 14.68 17.76
C GLU A 181 -17.12 14.63 18.66
N ILE A 182 -16.15 15.52 18.39
CA ILE A 182 -14.97 15.59 19.25
C ILE A 182 -15.37 16.04 20.64
N ARG A 183 -16.23 17.06 20.76
CA ARG A 183 -16.64 17.49 22.09
C ARG A 183 -17.25 16.34 22.88
N ARG A 184 -18.05 15.50 22.20
CA ARG A 184 -18.69 14.39 22.89
C ARG A 184 -17.71 13.33 23.34
N LEU A 185 -16.54 13.25 22.70
CA LEU A 185 -15.53 12.27 23.12
C LEU A 185 -14.71 12.73 24.33
N VAL A 186 -14.65 14.02 24.59
CA VAL A 186 -13.71 14.58 25.55
C VAL A 186 -14.31 14.78 26.93
N ASN A 187 -15.57 15.22 27.03
CA ASN A 187 -16.04 15.61 28.36
C ASN A 187 -15.99 14.46 29.37
N GLY A 188 -15.37 14.73 30.53
CA GLY A 188 -15.31 13.76 31.61
C GLY A 188 -14.17 12.78 31.55
N ALA A 189 -13.29 12.89 30.56
CA ALA A 189 -12.15 11.99 30.43
C ALA A 189 -11.17 12.15 31.60
N ALA A 190 -10.68 11.01 32.07
CA ALA A 190 -9.58 11.00 33.03
C ALA A 190 -8.29 11.43 32.36
N TYR A 191 -8.10 11.09 31.09
CA TYR A 191 -6.93 11.48 30.32
C TYR A 191 -7.40 11.89 28.95
N LEU A 192 -6.79 12.95 28.39
CA LEU A 192 -6.88 13.27 26.97
C LEU A 192 -5.48 13.14 26.39
N PHE A 193 -5.32 12.28 25.38
CA PHE A 193 -4.06 12.11 24.68
C PHE A 193 -4.19 12.67 23.27
N THR A 194 -3.24 13.51 22.85
CA THR A 194 -3.09 13.89 21.44
C THR A 194 -1.62 14.25 21.21
N ASN A 195 -1.25 14.49 19.94
CA ASN A 195 0.02 15.19 19.67
C ASN A 195 -0.27 16.70 19.57
N ASP A 196 0.80 17.49 19.38
CA ASP A 196 0.66 18.95 19.43
C ASP A 196 -0.19 19.48 18.27
N TYR A 197 0.05 18.98 17.06
CA TYR A 197 -0.75 19.38 15.90
C TYR A 197 -2.22 19.07 16.15
N GLU A 198 -2.50 17.88 16.67
CA GLU A 198 -3.84 17.46 16.99
C GLU A 198 -4.47 18.29 18.09
N TRP A 199 -3.69 18.76 19.06
CA TRP A 199 -4.25 19.61 20.10
C TRP A 199 -4.72 20.93 19.52
N ASP A 200 -3.90 21.55 18.68
CA ASP A 200 -4.33 22.78 17.99
C ASP A 200 -5.59 22.52 17.17
N LEU A 201 -5.63 21.40 16.45
CA LEU A 201 -6.78 21.05 15.64
C LEU A 201 -8.03 20.85 16.50
N LEU A 202 -7.90 20.14 17.61
CA LEU A 202 -9.02 19.92 18.51
C LEU A 202 -9.58 21.25 19.01
N LEU A 203 -8.71 22.16 19.43
CA LEU A 203 -9.18 23.48 19.89
C LEU A 203 -9.91 24.21 18.76
N SER A 204 -9.36 24.17 17.54
CA SER A 204 -10.02 24.86 16.41
C SER A 204 -11.39 24.26 16.10
N LYS A 205 -11.50 22.94 16.05
CA LYS A 205 -12.73 22.30 15.59
C LYS A 205 -13.80 22.32 16.67
N THR A 206 -13.41 22.18 17.93
CA THR A 206 -14.38 22.22 19.02
C THR A 206 -14.84 23.64 19.33
N GLY A 207 -14.02 24.64 19.00
CA GLY A 207 -14.25 26.00 19.44
C GLY A 207 -13.97 26.23 20.91
N TRP A 208 -13.41 25.24 21.59
CA TRP A 208 -13.04 25.38 22.99
C TRP A 208 -11.70 26.12 23.12
N SER A 209 -11.59 26.92 24.18
CA SER A 209 -10.28 27.43 24.55
C SER A 209 -9.52 26.34 25.32
N GLU A 210 -8.23 26.60 25.56
CA GLU A 210 -7.41 25.72 26.40
C GLU A 210 -8.09 25.48 27.74
N ALA A 211 -8.53 26.57 28.38
CA ALA A 211 -9.17 26.47 29.68
C ALA A 211 -10.49 25.71 29.62
N ASP A 212 -11.26 25.89 28.53
CA ASP A 212 -12.52 25.16 28.39
C ASP A 212 -12.29 23.65 28.44
N VAL A 213 -11.23 23.19 27.78
CA VAL A 213 -10.92 21.77 27.77
C VAL A 213 -10.48 21.31 29.15
N MET A 214 -9.53 22.05 29.75
CA MET A 214 -8.96 21.61 31.01
C MET A 214 -10.02 21.49 32.11
N ALA A 215 -11.10 22.26 32.02
CA ALA A 215 -12.14 22.13 33.03
C ALA A 215 -12.97 20.85 32.89
N GLN A 216 -12.79 20.10 31.82
CA GLN A 216 -13.61 18.92 31.59
C GLN A 216 -12.84 17.62 31.68
N ILE A 217 -11.53 17.68 31.91
CA ILE A 217 -10.72 16.47 31.95
C ILE A 217 -9.85 16.52 33.19
N ASP A 218 -9.29 15.37 33.56
CA ASP A 218 -8.41 15.36 34.74
C ASP A 218 -6.93 15.58 34.39
N LEU A 219 -6.52 15.27 33.17
CA LEU A 219 -5.14 15.44 32.75
C LEU A 219 -5.06 15.49 31.23
N ARG A 220 -4.27 16.42 30.73
CA ARG A 220 -3.96 16.51 29.32
C ARG A 220 -2.55 15.99 29.10
N VAL A 221 -2.41 15.09 28.14
CA VAL A 221 -1.11 14.56 27.73
C VAL A 221 -0.95 14.88 26.25
N THR A 222 0.08 15.68 25.94
CA THR A 222 0.30 16.20 24.60
C THR A 222 1.71 15.83 24.18
N THR A 223 1.82 14.96 23.18
CA THR A 223 3.14 14.53 22.71
C THR A 223 3.65 15.52 21.68
N LEU A 224 4.98 15.72 21.68
CA LEU A 224 5.63 16.81 20.95
C LEU A 224 6.68 16.29 19.99
N GLY A 225 6.61 15.02 19.61
CA GLY A 225 7.61 14.48 18.72
C GLY A 225 8.99 14.49 19.35
N PRO A 226 10.00 15.01 18.63
CA PRO A 226 11.35 15.02 19.19
C PRO A 226 11.49 15.91 20.40
N LYS A 227 10.50 16.74 20.70
CA LYS A 227 10.56 17.61 21.86
C LYS A 227 9.98 16.98 23.11
N GLY A 228 9.51 15.74 23.03
CA GLY A 228 9.09 15.06 24.23
C GLY A 228 7.59 15.08 24.43
N VAL A 229 7.15 15.35 25.66
CA VAL A 229 5.74 15.26 26.03
C VAL A 229 5.46 16.26 27.13
N ASP A 230 4.24 16.85 27.12
CA ASP A 230 3.74 17.68 28.20
C ASP A 230 2.60 16.98 28.92
N LEU A 231 2.60 17.06 30.25
CA LEU A 231 1.51 16.57 31.08
C LEU A 231 0.98 17.78 31.82
N VAL A 232 -0.29 18.10 31.64
CA VAL A 232 -0.82 19.37 32.12
C VAL A 232 -2.05 19.07 32.96
N GLU A 233 -2.04 19.53 34.22
CA GLU A 233 -3.17 19.37 35.11
C GLU A 233 -4.11 20.54 34.96
N PRO A 234 -5.35 20.39 35.43
CA PRO A 234 -6.32 21.49 35.28
C PRO A 234 -5.91 22.77 35.99
N ASP A 235 -5.13 22.69 37.04
CA ASP A 235 -4.67 23.91 37.72
C ASP A 235 -3.47 24.55 37.03
N GLY A 236 -3.00 23.99 35.91
CA GLY A 236 -1.91 24.55 35.16
C GLY A 236 -0.57 23.90 35.44
N THR A 237 -0.48 23.06 36.49
CA THR A 237 0.78 22.41 36.82
C THR A 237 1.20 21.59 35.61
N THR A 238 2.43 21.80 35.16
CA THR A 238 2.90 21.24 33.90
C THR A 238 4.23 20.53 34.08
N ILE A 239 4.27 19.30 33.62
CA ILE A 239 5.48 18.48 33.61
C ILE A 239 5.89 18.26 32.16
N HIS A 240 7.13 18.58 31.86
CA HIS A 240 7.68 18.35 30.54
C HIS A 240 8.74 17.27 30.65
N VAL A 241 8.62 16.23 29.83
CA VAL A 241 9.58 15.13 29.82
C VAL A 241 10.18 15.03 28.42
N GLY A 242 11.50 15.16 28.33
CA GLY A 242 12.17 14.97 27.06
C GLY A 242 12.23 13.50 26.65
N VAL A 243 12.52 13.31 25.35
CA VAL A 243 12.58 11.96 24.80
C VAL A 243 13.75 11.20 25.41
N VAL A 244 13.68 9.88 25.28
CA VAL A 244 14.86 9.03 25.42
C VAL A 244 15.56 9.12 24.07
N PRO A 245 16.77 9.66 23.97
CA PRO A 245 17.37 9.91 22.66
C PRO A 245 17.59 8.61 21.89
N GLU A 246 17.27 8.64 20.60
CA GLU A 246 17.31 7.46 19.79
C GLU A 246 18.70 7.24 19.21
N THR A 247 19.04 5.98 18.91
CA THR A 247 20.24 5.65 18.14
C THR A 247 19.95 5.42 16.66
N SER A 248 18.69 5.46 16.26
CA SER A 248 18.30 5.32 14.86
C SER A 248 16.88 5.84 14.78
N GLN A 249 16.50 6.37 13.64
CA GLN A 249 15.08 6.57 13.33
C GLN A 249 14.75 5.50 12.29
N THR A 250 14.06 4.44 12.72
CA THR A 250 13.77 3.33 11.80
C THR A 250 12.39 3.48 11.15
N ASP A 251 11.33 3.62 11.95
CA ASP A 251 9.99 3.73 11.40
C ASP A 251 9.14 4.34 12.51
N PRO A 252 8.42 5.45 12.25
CA PRO A 252 7.66 6.10 13.33
C PRO A 252 6.30 5.46 13.63
N THR A 253 5.92 4.42 12.91
CA THR A 253 4.59 3.83 13.11
C THR A 253 4.46 3.26 14.52
N GLY A 254 3.38 3.64 15.21
CA GLY A 254 3.09 3.08 16.50
C GLY A 254 3.83 3.71 17.67
N VAL A 255 4.63 4.75 17.44
CA VAL A 255 5.40 5.35 18.52
C VAL A 255 4.48 5.98 19.55
N GLY A 256 3.43 6.65 19.07
CA GLY A 256 2.47 7.26 19.99
C GLY A 256 1.74 6.22 20.82
N ASP A 257 1.28 5.13 20.18
CA ASP A 257 0.66 4.03 20.92
C ASP A 257 1.56 3.53 22.03
N ALA A 258 2.87 3.38 21.71
CA ALA A 258 3.84 2.87 22.67
C ALA A 258 4.00 3.82 23.85
N PHE A 259 4.07 5.12 23.58
CA PHE A 259 4.16 6.08 24.66
C PHE A 259 2.97 5.92 25.60
N ARG A 260 1.77 5.89 25.03
CA ARG A 260 0.57 5.79 25.85
C ARG A 260 0.57 4.53 26.68
N ALA A 261 0.96 3.40 26.07
CA ALA A 261 0.98 2.14 26.81
C ALA A 261 1.97 2.17 27.95
N GLY A 262 3.18 2.70 27.71
CA GLY A 262 4.15 2.75 28.77
C GLY A 262 3.71 3.66 29.90
N PHE A 263 3.17 4.84 29.54
CA PHE A 263 2.69 5.81 30.51
C PHE A 263 1.60 5.20 31.36
N LEU A 264 0.61 4.57 30.71
CA LEU A 264 -0.53 4.05 31.46
C LEU A 264 -0.14 2.83 32.27
N THR A 265 0.86 2.06 31.82
CA THR A 265 1.34 0.94 32.62
C THR A 265 2.02 1.48 33.88
N GLY A 266 2.87 2.50 33.71
CA GLY A 266 3.41 3.20 34.86
C GLY A 266 2.36 3.66 35.84
N ARG A 267 1.29 4.30 35.34
CA ARG A 267 0.25 4.79 36.22
C ARG A 267 -0.45 3.63 36.92
N SER A 268 -0.71 2.55 36.19
CA SER A 268 -1.37 1.39 36.78
C SER A 268 -0.50 0.76 37.86
N ALA A 269 0.81 0.93 37.77
CA ALA A 269 1.72 0.35 38.77
C ALA A 269 2.01 1.29 39.94
N GLY A 270 1.35 2.45 39.98
CA GLY A 270 1.51 3.39 41.07
C GLY A 270 2.55 4.49 40.87
N LEU A 271 3.17 4.58 39.70
CA LEU A 271 4.15 5.65 39.52
C LEU A 271 3.47 7.00 39.34
N GLY A 272 4.18 8.05 39.72
CA GLY A 272 3.74 9.41 39.48
C GLY A 272 3.76 9.79 38.01
N LEU A 273 3.32 11.02 37.74
CA LEU A 273 3.18 11.49 36.36
C LEU A 273 4.53 11.52 35.63
N GLU A 274 5.53 12.17 36.23
CA GLU A 274 6.83 12.27 35.54
C GLU A 274 7.44 10.90 35.30
N ARG A 275 7.47 10.05 36.31
CA ARG A 275 8.08 8.73 36.14
C ARG A 275 7.34 7.92 35.09
N SER A 276 6.00 8.02 35.10
CA SER A 276 5.22 7.28 34.12
C SER A 276 5.53 7.76 32.71
N ALA A 277 5.71 9.07 32.53
CA ALA A 277 6.02 9.60 31.21
C ALA A 277 7.45 9.24 30.80
N GLN A 278 8.36 9.11 31.76
CA GLN A 278 9.70 8.59 31.47
C GLN A 278 9.63 7.16 30.95
N LEU A 279 8.84 6.30 31.60
CA LEU A 279 8.66 4.93 31.11
C LEU A 279 8.05 4.95 29.70
N GLY A 280 7.01 5.76 29.51
CA GLY A 280 6.39 5.84 28.19
C GLY A 280 7.38 6.27 27.12
N SER A 281 8.29 7.20 27.46
CA SER A 281 9.29 7.68 26.51
C SER A 281 10.26 6.57 26.13
N LEU A 282 10.56 5.67 27.06
CA LEU A 282 11.44 4.55 26.71
C LEU A 282 10.73 3.61 25.73
N VAL A 283 9.49 3.24 26.04
CA VAL A 283 8.81 2.33 25.11
C VAL A 283 8.68 2.99 23.75
N ALA A 284 8.38 4.29 23.71
CA ALA A 284 8.28 5.00 22.43
C ALA A 284 9.56 4.88 21.60
N VAL A 285 10.73 5.10 22.23
CA VAL A 285 11.96 5.07 21.44
C VAL A 285 12.25 3.65 20.96
N LEU A 286 11.87 2.63 21.76
CA LEU A 286 12.08 1.26 21.31
C LEU A 286 11.27 0.95 20.05
N VAL A 287 10.07 1.54 19.96
CA VAL A 287 9.25 1.38 18.76
C VAL A 287 9.81 2.20 17.60
N LEU A 288 10.26 3.42 17.87
CA LEU A 288 10.90 4.22 16.82
C LEU A 288 12.08 3.49 16.20
N GLU A 289 12.78 2.68 16.98
CA GLU A 289 13.98 1.96 16.54
C GLU A 289 13.70 0.60 15.89
N SER A 290 12.44 0.25 15.68
CA SER A 290 12.11 -0.99 14.99
C SER A 290 11.06 -0.70 13.92
N THR A 291 10.79 -1.70 13.08
CA THR A 291 9.88 -1.46 11.95
C THR A 291 8.41 -1.73 12.34
N GLY A 292 8.07 -2.94 12.70
CA GLY A 292 6.71 -3.13 13.20
C GLY A 292 6.43 -2.33 14.47
N THR A 293 5.15 -2.27 14.83
CA THR A 293 4.72 -1.60 16.04
C THR A 293 4.87 -2.47 17.28
N GLN A 294 5.02 -3.81 17.11
CA GLN A 294 5.10 -4.77 18.19
C GLN A 294 6.33 -5.66 18.02
N GLU A 295 7.32 -5.15 17.31
CA GLU A 295 8.52 -5.92 16.97
C GLU A 295 9.66 -5.67 17.95
N TRP A 296 9.54 -4.68 18.82
CA TRP A 296 10.54 -4.38 19.82
C TRP A 296 10.55 -5.45 20.90
N GLN A 297 11.70 -5.57 21.56
CA GLN A 297 11.86 -6.53 22.64
C GLN A 297 12.07 -5.79 23.95
N TRP A 298 11.65 -6.41 25.04
CA TRP A 298 11.79 -5.85 26.38
C TRP A 298 13.02 -6.47 27.04
N ASP A 299 14.04 -5.65 27.23
CA ASP A 299 15.31 -6.03 27.86
C ASP A 299 15.42 -5.19 29.13
N TYR A 300 15.20 -5.82 30.28
CA TYR A 300 15.17 -5.10 31.54
C TYR A 300 16.44 -4.28 31.78
N GLU A 301 17.62 -4.89 31.56
CA GLU A 301 18.86 -4.17 31.83
C GLU A 301 19.04 -2.99 30.88
N ALA A 302 18.76 -3.22 29.60
CA ALA A 302 18.88 -2.13 28.63
C ALA A 302 17.89 -1.02 28.97
N ALA A 303 16.70 -1.39 29.46
CA ALA A 303 15.72 -0.36 29.84
C ALA A 303 16.24 0.49 30.99
N ALA A 304 16.73 -0.17 32.03
CA ALA A 304 17.28 0.55 33.16
C ALA A 304 18.43 1.46 32.71
N SER A 305 19.28 0.97 31.80
CA SER A 305 20.42 1.77 31.37
C SER A 305 19.98 3.03 30.62
N ARG A 306 19.08 2.88 29.65
CA ARG A 306 18.68 4.04 28.85
C ARG A 306 17.85 5.01 29.66
N LEU A 307 17.03 4.51 30.58
CA LEU A 307 16.32 5.41 31.50
C LEU A 307 17.31 6.20 32.35
N ALA A 308 18.35 5.55 32.84
CA ALA A 308 19.31 6.28 33.66
C ALA A 308 20.07 7.31 32.84
N GLY A 309 20.46 6.97 31.60
CA GLY A 309 21.19 7.92 30.81
C GLY A 309 20.38 9.16 30.48
N ALA A 310 19.06 8.98 30.30
CA ALA A 310 18.22 10.15 29.98
C ALA A 310 17.76 10.92 31.21
N TYR A 311 17.45 10.24 32.29
CA TYR A 311 16.72 10.83 33.40
C TYR A 311 17.44 10.68 34.75
N GLY A 312 18.58 10.00 34.78
CA GLY A 312 19.28 9.82 36.05
C GLY A 312 19.01 8.48 36.72
N GLU A 313 19.99 8.02 37.52
CA GLU A 313 19.87 6.69 38.11
C GLU A 313 18.70 6.61 39.09
N HIS A 314 18.40 7.69 39.81
CA HIS A 314 17.30 7.65 40.78
C HIS A 314 15.97 7.33 40.10
N ALA A 315 15.64 8.09 39.05
CA ALA A 315 14.42 7.85 38.29
C ALA A 315 14.40 6.46 37.68
N ALA A 316 15.52 6.05 37.06
CA ALA A 316 15.56 4.73 36.45
C ALA A 316 15.23 3.63 37.47
N ALA A 317 15.87 3.68 38.63
CA ALA A 317 15.64 2.65 39.63
C ALA A 317 14.19 2.64 40.10
N GLU A 318 13.62 3.83 40.33
CA GLU A 318 12.21 3.87 40.73
C GLU A 318 11.32 3.21 39.68
N ILE A 319 11.62 3.40 38.39
CA ILE A 319 10.74 2.88 37.34
C ILE A 319 10.87 1.38 37.22
N VAL A 320 12.10 0.88 37.11
CA VAL A 320 12.25 -0.53 36.88
C VAL A 320 11.85 -1.33 38.11
N ALA A 321 11.79 -0.69 39.29
CA ALA A 321 11.33 -1.41 40.47
C ALA A 321 9.93 -1.97 40.29
N VAL A 322 9.10 -1.33 39.47
CA VAL A 322 7.75 -1.84 39.27
C VAL A 322 7.63 -2.75 38.06
N LEU A 323 8.76 -3.06 37.42
CA LEU A 323 8.76 -3.93 36.24
C LEU A 323 9.59 -5.18 36.51
N ALA A 324 9.56 -6.10 35.54
CA ALA A 324 10.34 -7.33 35.63
C ALA A 324 11.42 -7.41 34.54
N THR B 2 4.50 -16.95 -32.16
CA THR B 2 4.85 -17.17 -30.74
C THR B 2 5.57 -15.96 -30.13
N ILE B 3 4.92 -15.34 -29.16
CA ILE B 3 5.39 -14.11 -28.55
C ILE B 3 5.99 -14.48 -27.20
N ALA B 4 7.20 -14.02 -26.95
CA ALA B 4 7.81 -14.11 -25.64
C ALA B 4 7.66 -12.78 -24.94
N VAL B 5 7.01 -12.77 -23.77
CA VAL B 5 6.75 -11.57 -23.00
C VAL B 5 7.72 -11.54 -21.81
N THR B 6 8.64 -10.59 -21.83
CA THR B 6 9.48 -10.33 -20.67
C THR B 6 9.02 -9.06 -19.93
N GLY B 7 9.19 -9.09 -18.63
CA GLY B 7 8.83 -7.97 -17.79
C GLY B 7 8.42 -8.47 -16.42
N SER B 8 7.82 -7.56 -15.66
CA SER B 8 7.55 -7.86 -14.27
C SER B 8 6.41 -8.86 -14.11
N ILE B 9 6.50 -9.61 -13.02
CA ILE B 9 5.46 -10.52 -12.56
C ILE B 9 5.19 -10.11 -11.13
N ALA B 10 3.92 -9.85 -10.79
CA ALA B 10 3.62 -9.26 -9.51
C ALA B 10 2.28 -9.70 -8.96
N THR B 11 2.07 -9.40 -7.66
CA THR B 11 0.74 -9.36 -7.07
C THR B 11 0.41 -7.89 -6.88
N ASP B 12 -0.79 -7.48 -7.32
CA ASP B 12 -1.26 -6.11 -7.19
C ASP B 12 -2.27 -6.05 -6.05
N HIS B 13 -2.01 -5.18 -5.09
CA HIS B 13 -2.90 -4.87 -3.97
C HIS B 13 -3.50 -3.51 -4.30
N LEU B 14 -4.76 -3.52 -4.74
CA LEU B 14 -5.37 -2.34 -5.33
C LEU B 14 -6.47 -1.80 -4.42
N MET B 15 -6.38 -0.51 -4.10
CA MET B 15 -7.32 0.13 -3.21
C MET B 15 -7.99 1.31 -3.91
N ARG B 16 -9.18 1.63 -3.44
CA ARG B 16 -9.97 2.73 -3.97
C ARG B 16 -10.20 3.78 -2.89
N PHE B 17 -9.81 5.01 -3.20
CA PHE B 17 -10.06 6.18 -2.36
C PHE B 17 -11.26 6.94 -2.90
N PRO B 18 -12.34 7.09 -2.12
CA PRO B 18 -13.54 7.76 -2.65
C PRO B 18 -13.37 9.25 -2.88
N GLY B 19 -12.29 9.84 -2.39
CA GLY B 19 -12.04 11.25 -2.53
C GLY B 19 -11.15 11.59 -3.72
N ARG B 20 -10.52 12.76 -3.62
CA ARG B 20 -9.60 13.25 -4.64
C ARG B 20 -8.28 13.51 -3.94
N PHE B 21 -7.20 12.93 -4.47
CA PHE B 21 -5.91 13.17 -3.85
C PHE B 21 -5.62 14.66 -3.78
N SER B 22 -6.10 15.44 -4.76
CA SER B 22 -6.01 16.90 -4.75
C SER B 22 -6.24 17.51 -3.37
N GLU B 23 -7.32 17.06 -2.70
CA GLU B 23 -7.72 17.68 -1.45
C GLU B 23 -6.72 17.44 -0.33
N GLN B 24 -5.83 16.47 -0.46
CA GLN B 24 -4.87 16.15 0.59
C GLN B 24 -3.43 16.46 0.16
N VAL B 33 5.23 15.70 5.80
CA VAL B 33 4.28 14.91 5.00
C VAL B 33 3.77 13.68 5.75
N SER B 34 2.45 13.57 5.90
CA SER B 34 1.84 12.44 6.61
C SER B 34 0.42 12.27 6.05
N LEU B 35 0.36 11.71 4.84
CA LEU B 35 -0.89 11.52 4.13
C LEU B 35 -1.55 10.23 4.60
N SER B 36 -2.86 10.27 4.81
CA SER B 36 -3.59 9.08 5.20
C SER B 36 -4.90 9.06 4.43
N PHE B 37 -5.11 7.99 3.66
CA PHE B 37 -6.30 7.83 2.83
C PHE B 37 -7.15 6.71 3.40
N LEU B 38 -8.40 7.04 3.77
CA LEU B 38 -9.36 6.01 4.17
C LEU B 38 -9.98 5.44 2.90
N VAL B 39 -9.72 4.15 2.61
CA VAL B 39 -10.13 3.54 1.34
C VAL B 39 -11.33 2.64 1.58
N ASP B 40 -12.13 2.42 0.53
CA ASP B 40 -13.34 1.63 0.70
C ASP B 40 -13.33 0.35 -0.11
N ASP B 41 -12.19 -0.05 -0.65
CA ASP B 41 -12.05 -1.29 -1.38
C ASP B 41 -10.58 -1.69 -1.27
N LEU B 42 -10.33 -3.00 -1.10
CA LEU B 42 -8.99 -3.59 -1.08
C LEU B 42 -9.09 -4.97 -1.68
N VAL B 43 -8.41 -5.18 -2.80
CA VAL B 43 -8.43 -6.47 -3.48
C VAL B 43 -7.02 -6.79 -3.93
N MET B 44 -6.74 -8.09 -3.99
CA MET B 44 -5.44 -8.63 -4.35
C MET B 44 -5.61 -9.44 -5.63
N HIS B 45 -4.83 -9.10 -6.65
CA HIS B 45 -5.00 -9.64 -7.99
C HIS B 45 -3.65 -9.97 -8.62
N ARG B 46 -3.71 -10.81 -9.64
CA ARG B 46 -2.53 -11.15 -10.43
C ARG B 46 -2.09 -9.95 -11.26
N GLY B 47 -0.77 -9.70 -11.30
CA GLY B 47 -0.22 -8.54 -11.98
C GLY B 47 1.18 -8.67 -12.53
N GLY B 48 1.82 -7.52 -12.72
CA GLY B 48 3.12 -7.41 -13.38
C GLY B 48 2.87 -7.15 -14.86
N VAL B 49 3.68 -6.32 -15.51
CA VAL B 49 3.39 -5.98 -16.90
C VAL B 49 3.43 -7.23 -17.76
N ALA B 50 4.40 -8.11 -17.52
CA ALA B 50 4.55 -9.29 -18.37
C ALA B 50 3.43 -10.31 -18.12
N GLY B 51 3.05 -10.50 -16.87
CA GLY B 51 1.90 -11.35 -16.61
C GLY B 51 0.63 -10.83 -17.26
N ASN B 52 0.39 -9.51 -17.16
CA ASN B 52 -0.81 -8.92 -17.76
C ASN B 52 -0.83 -9.14 -19.27
N MET B 53 0.28 -8.86 -19.94
CA MET B 53 0.30 -8.99 -21.39
C MET B 53 0.18 -10.45 -21.80
N ALA B 54 0.87 -11.37 -21.11
CA ALA B 54 0.77 -12.78 -21.45
C ALA B 54 -0.64 -13.30 -21.23
N PHE B 55 -1.27 -12.93 -20.11
CA PHE B 55 -2.65 -13.31 -19.86
C PHE B 55 -3.54 -12.92 -21.01
N ALA B 56 -3.48 -11.65 -21.44
CA ALA B 56 -4.36 -11.18 -22.51
C ALA B 56 -4.08 -11.89 -23.84
N ILE B 57 -2.80 -12.09 -24.19
CA ILE B 57 -2.52 -12.78 -25.44
C ILE B 57 -3.07 -14.20 -25.38
N GLY B 58 -2.92 -14.87 -24.23
CA GLY B 58 -3.45 -16.21 -24.08
C GLY B 58 -4.97 -16.27 -24.18
N VAL B 59 -5.66 -15.38 -23.47
CA VAL B 59 -7.13 -15.36 -23.54
C VAL B 59 -7.61 -15.14 -24.97
N LEU B 60 -6.88 -14.33 -25.74
CA LEU B 60 -7.28 -14.04 -27.10
C LEU B 60 -6.89 -15.13 -28.09
N GLY B 61 -6.24 -16.19 -27.62
CA GLY B 61 -5.90 -17.31 -28.49
C GLY B 61 -4.53 -17.26 -29.11
N GLY B 62 -3.68 -16.31 -28.71
CA GLY B 62 -2.35 -16.25 -29.24
C GLY B 62 -1.43 -17.30 -28.62
N GLU B 63 -0.26 -17.42 -29.23
CA GLU B 63 0.81 -18.29 -28.76
C GLU B 63 1.82 -17.46 -27.98
N VAL B 64 1.98 -17.76 -26.69
CA VAL B 64 2.71 -16.85 -25.82
C VAL B 64 3.43 -17.61 -24.70
N ALA B 65 4.60 -17.10 -24.37
CA ALA B 65 5.42 -17.60 -23.27
C ALA B 65 5.75 -16.45 -22.35
N LEU B 66 5.59 -16.67 -21.06
CA LEU B 66 5.92 -15.68 -20.05
C LEU B 66 7.36 -15.90 -19.57
N VAL B 67 8.16 -14.84 -19.62
CA VAL B 67 9.59 -14.93 -19.28
C VAL B 67 9.94 -13.81 -18.29
N GLY B 68 10.01 -14.15 -17.01
CA GLY B 68 10.34 -13.20 -15.98
C GLY B 68 10.61 -13.99 -14.71
N ALA B 69 10.85 -13.26 -13.63
CA ALA B 69 11.24 -13.86 -12.37
C ALA B 69 10.16 -13.66 -11.31
N ALA B 70 9.89 -14.73 -10.56
CA ALA B 70 8.88 -14.72 -9.51
C ALA B 70 9.43 -15.50 -8.32
N GLY B 71 8.65 -15.55 -7.24
CA GLY B 71 8.99 -16.34 -6.07
C GLY B 71 8.32 -17.70 -6.05
N ALA B 72 8.62 -18.49 -5.02
CA ALA B 72 8.00 -19.81 -4.93
C ALA B 72 6.49 -19.73 -4.75
N ASP B 73 5.97 -18.59 -4.30
CA ASP B 73 4.54 -18.36 -4.15
C ASP B 73 3.76 -18.38 -5.46
N PHE B 74 4.47 -18.57 -6.58
CA PHE B 74 3.92 -18.41 -7.94
C PHE B 74 3.03 -19.56 -8.40
N ALA B 75 2.88 -20.66 -7.64
CA ALA B 75 2.22 -21.85 -8.19
C ALA B 75 0.80 -21.57 -8.68
N ASP B 76 -0.01 -20.90 -7.86
CA ASP B 76 -1.41 -20.66 -8.26
C ASP B 76 -1.49 -19.74 -9.48
N TYR B 77 -0.66 -18.70 -9.50
CA TYR B 77 -0.58 -17.80 -10.67
C TYR B 77 -0.20 -18.59 -11.90
N ARG B 78 0.78 -19.48 -11.76
CA ARG B 78 1.18 -20.33 -12.87
C ARG B 78 -0.02 -21.12 -13.39
N ASP B 79 -0.79 -21.73 -12.49
CA ASP B 79 -1.92 -22.55 -12.96
C ASP B 79 -2.97 -21.68 -13.67
N TRP B 80 -3.23 -20.51 -13.11
CA TRP B 80 -4.12 -19.51 -13.71
C TRP B 80 -3.70 -19.20 -15.13
N LEU B 81 -2.41 -18.92 -15.32
CA LEU B 81 -1.96 -18.54 -16.65
C LEU B 81 -1.95 -19.73 -17.60
N LYS B 82 -1.55 -20.92 -17.12
CA LYS B 82 -1.50 -22.07 -18.01
C LYS B 82 -2.90 -22.41 -18.52
N ALA B 83 -3.91 -22.20 -17.67
CA ALA B 83 -5.28 -22.52 -18.06
C ALA B 83 -5.73 -21.62 -19.22
N ARG B 84 -5.04 -20.51 -19.45
CA ARG B 84 -5.35 -19.60 -20.54
C ARG B 84 -4.34 -19.70 -21.68
N GLY B 85 -3.54 -20.77 -21.69
CA GLY B 85 -2.66 -21.05 -22.79
C GLY B 85 -1.27 -20.48 -22.71
N VAL B 86 -0.90 -19.91 -21.59
CA VAL B 86 0.41 -19.28 -21.45
C VAL B 86 1.42 -20.34 -21.07
N ASN B 87 2.52 -20.38 -21.81
CA ASN B 87 3.68 -21.21 -21.46
C ASN B 87 4.43 -20.51 -20.34
N CYS B 88 4.46 -21.12 -19.14
CA CYS B 88 5.19 -20.56 -18.01
C CYS B 88 6.46 -21.35 -17.66
N ASP B 89 6.90 -22.26 -18.52
CA ASP B 89 8.10 -23.04 -18.24
C ASP B 89 9.32 -22.18 -17.92
N HIS B 90 9.43 -21.00 -18.52
CA HIS B 90 10.63 -20.18 -18.44
C HIS B 90 10.52 -19.05 -17.45
N VAL B 91 9.57 -19.14 -16.54
CA VAL B 91 9.55 -18.24 -15.38
C VAL B 91 10.63 -18.71 -14.40
N LEU B 92 11.57 -17.81 -14.09
CA LEU B 92 12.62 -18.10 -13.11
C LEU B 92 12.02 -18.00 -11.72
N ILE B 93 12.22 -19.04 -10.89
CA ILE B 93 11.65 -19.06 -9.55
C ILE B 93 12.79 -18.85 -8.58
N SER B 94 12.68 -17.80 -7.76
CA SER B 94 13.75 -17.49 -6.83
C SER B 94 13.82 -18.57 -5.76
N GLU B 95 15.04 -18.86 -5.31
CA GLU B 95 15.16 -19.76 -4.18
C GLU B 95 14.72 -19.10 -2.88
N THR B 96 14.72 -17.76 -2.82
CA THR B 96 14.50 -17.08 -1.55
C THR B 96 13.51 -15.93 -1.56
N ALA B 97 13.43 -15.23 -2.68
CA ALA B 97 12.65 -13.98 -2.73
C ALA B 97 11.20 -14.25 -3.09
N HIS B 98 10.32 -13.34 -2.64
CA HIS B 98 8.90 -13.42 -2.96
C HIS B 98 8.62 -12.67 -4.27
N THR B 99 7.55 -13.05 -4.93
CA THR B 99 7.08 -12.30 -6.11
C THR B 99 6.90 -10.83 -5.75
N ALA B 100 7.25 -9.95 -6.71
CA ALA B 100 7.08 -8.52 -6.53
C ALA B 100 5.66 -8.19 -6.08
N ARG B 101 5.53 -7.05 -5.38
CA ARG B 101 4.23 -6.53 -5.00
C ARG B 101 4.05 -5.08 -5.44
N PHE B 102 2.92 -4.80 -6.06
CA PHE B 102 2.51 -3.45 -6.41
C PHE B 102 1.35 -3.09 -5.52
N THR B 103 1.47 -1.98 -4.80
CA THR B 103 0.43 -1.49 -3.90
C THR B 103 0.00 -0.13 -4.42
N CYS B 104 -1.29 0.02 -4.69
CA CYS B 104 -1.75 1.20 -5.39
C CYS B 104 -3.08 1.65 -4.81
N THR B 105 -3.25 2.96 -4.67
CA THR B 105 -4.53 3.57 -4.34
C THR B 105 -4.96 4.47 -5.48
N THR B 106 -6.21 4.32 -5.93
CA THR B 106 -6.74 5.08 -7.06
C THR B 106 -7.90 5.91 -6.54
N ASP B 107 -7.93 7.20 -6.93
CA ASP B 107 -8.97 8.11 -6.44
C ASP B 107 -10.11 8.20 -7.48
N VAL B 108 -11.10 9.04 -7.18
CA VAL B 108 -12.30 9.02 -8.03
C VAL B 108 -12.02 9.52 -9.44
N ASP B 109 -10.95 10.28 -9.65
CA ASP B 109 -10.58 10.78 -10.97
C ASP B 109 -9.53 9.92 -11.65
N MET B 110 -9.29 8.72 -11.13
CA MET B 110 -8.34 7.76 -11.66
C MET B 110 -6.88 8.18 -11.45
N ALA B 111 -6.62 9.15 -10.59
CA ALA B 111 -5.27 9.45 -10.17
C ALA B 111 -4.76 8.32 -9.28
N GLN B 112 -3.43 8.14 -9.23
CA GLN B 112 -2.90 7.00 -8.51
C GLN B 112 -1.68 7.36 -7.67
N ILE B 113 -1.59 6.75 -6.48
CA ILE B 113 -0.41 6.80 -5.62
C ILE B 113 -0.02 5.36 -5.32
N ALA B 114 1.20 4.97 -5.67
CA ALA B 114 1.57 3.57 -5.61
C ALA B 114 2.99 3.40 -5.07
N SER B 115 3.23 2.22 -4.49
CA SER B 115 4.56 1.76 -4.09
C SER B 115 4.82 0.39 -4.72
N PHE B 116 6.05 0.17 -5.19
CA PHE B 116 6.41 -1.07 -5.87
C PHE B 116 7.63 -1.71 -5.21
N TYR B 117 7.47 -2.94 -4.72
CA TYR B 117 8.53 -3.70 -4.08
C TYR B 117 9.00 -4.78 -5.04
N PRO B 118 10.25 -4.74 -5.52
CA PRO B 118 10.59 -5.66 -6.63
C PRO B 118 10.75 -7.10 -6.23
N GLY B 119 11.21 -7.42 -5.03
CA GLY B 119 11.35 -8.82 -4.68
C GLY B 119 12.16 -9.60 -5.71
N ALA B 120 11.61 -10.73 -6.12
CA ALA B 120 12.28 -11.63 -7.05
C ALA B 120 12.52 -11.04 -8.43
N MET B 121 11.83 -9.93 -8.77
CA MET B 121 12.03 -9.32 -10.09
C MET B 121 13.51 -9.03 -10.37
N SER B 122 14.32 -8.69 -9.36
CA SER B 122 15.71 -8.37 -9.60
C SER B 122 16.46 -9.55 -10.20
N GLU B 123 15.99 -10.77 -9.96
CA GLU B 123 16.67 -11.95 -10.47
C GLU B 123 16.40 -12.19 -11.94
N ALA B 124 15.55 -11.37 -12.58
CA ALA B 124 15.34 -11.57 -14.01
C ALA B 124 16.62 -11.38 -14.83
N ARG B 125 17.60 -10.62 -14.32
CA ARG B 125 18.88 -10.46 -15.00
C ARG B 125 19.62 -11.78 -15.18
N ASN B 126 19.24 -12.83 -14.45
CA ASN B 126 19.88 -14.14 -14.63
C ASN B 126 19.22 -14.99 -15.69
N ILE B 127 18.14 -14.50 -16.34
CA ILE B 127 17.45 -15.23 -17.39
C ILE B 127 18.18 -15.05 -18.71
N LYS B 128 18.33 -16.15 -19.46
CA LYS B 128 18.96 -16.16 -20.77
C LYS B 128 17.91 -16.52 -21.81
N LEU B 129 17.64 -15.59 -22.75
CA LEU B 129 16.66 -15.91 -23.78
C LEU B 129 17.14 -17.07 -24.63
N ALA B 130 18.45 -17.30 -24.72
CA ALA B 130 18.94 -18.46 -25.47
C ALA B 130 18.35 -19.78 -24.97
N ASP B 131 18.16 -19.91 -23.65
CA ASP B 131 17.57 -21.12 -23.09
C ASP B 131 16.11 -21.26 -23.51
N VAL B 132 15.37 -20.15 -23.52
CA VAL B 132 14.02 -20.17 -24.05
C VAL B 132 14.02 -20.64 -25.49
N VAL B 133 14.92 -20.07 -26.30
CA VAL B 133 14.97 -20.44 -27.72
C VAL B 133 15.26 -21.91 -27.87
N SER B 134 16.20 -22.43 -27.07
CA SER B 134 16.51 -23.86 -27.14
C SER B 134 15.26 -24.69 -26.87
N ALA B 135 14.40 -24.21 -25.97
CA ALA B 135 13.22 -25.00 -25.62
C ALA B 135 12.09 -24.90 -26.64
N ILE B 136 11.78 -23.69 -27.13
CA ILE B 136 10.57 -23.50 -27.94
C ILE B 136 10.85 -22.93 -29.32
N GLY B 137 12.10 -22.74 -29.70
CA GLY B 137 12.43 -22.11 -30.96
C GLY B 137 12.50 -20.61 -30.83
N LYS B 138 12.89 -19.97 -31.92
CA LYS B 138 13.04 -18.51 -31.93
C LYS B 138 11.65 -17.88 -31.87
N PRO B 139 11.34 -17.05 -30.89
CA PRO B 139 10.05 -16.35 -30.91
C PRO B 139 9.98 -15.40 -32.09
N GLU B 140 8.75 -15.19 -32.60
CA GLU B 140 8.49 -14.18 -33.63
C GLU B 140 8.66 -12.77 -33.10
N LEU B 141 8.44 -12.55 -31.80
CA LEU B 141 8.59 -11.23 -31.20
C LEU B 141 8.86 -11.41 -29.72
N VAL B 142 9.80 -10.63 -29.20
CA VAL B 142 10.08 -10.57 -27.77
C VAL B 142 9.65 -9.19 -27.29
N ILE B 143 8.73 -9.14 -26.32
CA ILE B 143 8.38 -7.87 -25.70
C ILE B 143 9.34 -7.60 -24.55
N ILE B 144 9.96 -6.42 -24.54
CA ILE B 144 10.87 -6.00 -23.48
C ILE B 144 10.16 -5.01 -22.57
N GLY B 145 9.37 -5.54 -21.62
CA GLY B 145 8.58 -4.70 -20.75
C GLY B 145 9.35 -4.28 -19.52
N ALA B 146 8.73 -3.39 -18.77
CA ALA B 146 9.32 -2.92 -17.51
C ALA B 146 9.73 -4.11 -16.67
N ASN B 147 10.94 -4.04 -16.12
CA ASN B 147 11.58 -5.20 -15.51
C ASN B 147 12.72 -4.70 -14.63
N ASP B 148 13.43 -5.64 -14.03
CA ASP B 148 14.75 -5.30 -13.54
C ASP B 148 15.52 -4.58 -14.64
N PRO B 149 16.08 -3.38 -14.39
CA PRO B 149 16.72 -2.64 -15.49
C PRO B 149 17.82 -3.42 -16.19
N GLU B 150 18.70 -4.05 -15.42
CA GLU B 150 19.77 -4.83 -16.04
C GLU B 150 19.20 -5.92 -16.92
N ALA B 151 18.11 -6.56 -16.49
CA ALA B 151 17.50 -7.57 -17.36
C ALA B 151 16.98 -6.95 -18.65
N MET B 152 16.40 -5.75 -18.58
CA MET B 152 15.91 -5.10 -19.80
C MET B 152 17.04 -4.91 -20.80
N PHE B 153 18.18 -4.42 -20.33
CA PHE B 153 19.34 -4.27 -21.21
C PHE B 153 19.82 -5.63 -21.73
N LEU B 154 20.01 -6.60 -20.83
CA LEU B 154 20.55 -7.88 -21.26
C LEU B 154 19.64 -8.56 -22.25
N HIS B 155 18.31 -8.48 -22.02
CA HIS B 155 17.38 -9.10 -22.95
C HIS B 155 17.43 -8.42 -24.31
N THR B 156 17.49 -7.08 -24.35
CA THR B 156 17.55 -6.39 -25.63
C THR B 156 18.82 -6.79 -26.38
N GLU B 157 19.96 -6.79 -25.67
CA GLU B 157 21.22 -7.16 -26.29
C GLU B 157 21.16 -8.56 -26.85
N GLU B 158 20.54 -9.48 -26.11
CA GLU B 158 20.44 -10.86 -26.56
C GLU B 158 19.54 -10.97 -27.78
N CYS B 159 18.47 -10.18 -27.84
CA CYS B 159 17.63 -10.18 -29.03
C CYS B 159 18.43 -9.78 -30.25
N ARG B 160 19.23 -8.73 -30.12
CA ARG B 160 20.05 -8.30 -31.26
C ARG B 160 21.00 -9.41 -31.67
N LYS B 161 21.67 -10.01 -30.70
CA LYS B 161 22.69 -11.02 -31.01
C LYS B 161 22.08 -12.24 -31.67
N LEU B 162 20.91 -12.67 -31.21
CA LEU B 162 20.26 -13.86 -31.73
C LEU B 162 19.35 -13.59 -32.91
N GLY B 163 19.17 -12.33 -33.29
CA GLY B 163 18.31 -12.01 -34.41
C GLY B 163 16.83 -12.16 -34.12
N LEU B 164 16.39 -11.74 -32.93
CA LEU B 164 14.99 -11.81 -32.53
C LEU B 164 14.38 -10.42 -32.64
N ALA B 165 13.25 -10.31 -33.34
CA ALA B 165 12.53 -9.04 -33.37
C ALA B 165 12.09 -8.71 -31.96
N PHE B 166 12.15 -7.42 -31.59
CA PHE B 166 11.75 -7.06 -30.23
C PHE B 166 10.96 -5.77 -30.20
N ALA B 167 10.12 -5.67 -29.17
CA ALA B 167 9.38 -4.46 -28.88
C ALA B 167 9.94 -3.80 -27.63
N ALA B 168 10.39 -2.57 -27.78
CA ALA B 168 10.82 -1.75 -26.66
C ALA B 168 9.58 -1.21 -25.96
N ASP B 169 9.39 -1.63 -24.71
CA ASP B 169 8.20 -1.29 -23.93
C ASP B 169 8.58 -0.85 -22.51
N PRO B 170 9.39 0.19 -22.40
CA PRO B 170 9.88 0.70 -21.10
C PRO B 170 8.88 1.75 -20.62
N SER B 171 7.76 1.35 -20.15
CA SER B 171 6.86 2.33 -19.59
C SER B 171 7.41 2.79 -18.25
N GLN B 172 7.12 2.01 -17.21
CA GLN B 172 7.31 2.46 -15.85
C GLN B 172 8.77 2.72 -15.50
N GLN B 173 9.72 2.18 -16.25
CA GLN B 173 11.11 2.41 -15.90
C GLN B 173 11.71 3.64 -16.59
N LEU B 174 10.97 4.33 -17.46
CA LEU B 174 11.60 5.42 -18.21
C LEU B 174 12.11 6.54 -17.30
N ALA B 175 11.44 6.81 -16.19
CA ALA B 175 11.93 7.88 -15.32
C ALA B 175 13.24 7.49 -14.64
N ARG B 176 13.42 6.21 -14.34
CA ARG B 176 14.60 5.73 -13.64
C ARG B 176 15.80 5.52 -14.55
N LEU B 177 15.59 5.35 -15.84
CA LEU B 177 16.69 5.09 -16.76
C LEU B 177 17.33 6.40 -17.23
N SER B 178 18.64 6.32 -17.46
CA SER B 178 19.36 7.45 -18.03
C SER B 178 19.10 7.54 -19.53
N GLY B 179 19.47 8.68 -20.12
CA GLY B 179 19.35 8.82 -21.56
C GLY B 179 20.09 7.74 -22.33
N GLU B 180 21.34 7.44 -21.92
CA GLU B 180 22.10 6.42 -22.62
C GLU B 180 21.45 5.05 -22.49
N GLU B 181 20.93 4.72 -21.29
CA GLU B 181 20.27 3.44 -21.07
C GLU B 181 19.03 3.31 -21.96
N ILE B 182 18.26 4.40 -22.07
CA ILE B 182 17.09 4.38 -22.94
C ILE B 182 17.51 4.22 -24.40
N ARG B 183 18.54 4.96 -24.82
CA ARG B 183 18.99 4.82 -26.21
C ARG B 183 19.34 3.37 -26.50
N ARG B 184 19.98 2.70 -25.55
CA ARG B 184 20.37 1.31 -25.77
C ARG B 184 19.17 0.37 -25.83
N LEU B 185 18.03 0.77 -25.24
CA LEU B 185 16.85 -0.08 -25.36
C LEU B 185 16.10 0.06 -26.68
N VAL B 186 16.28 1.17 -27.39
CA VAL B 186 15.40 1.50 -28.52
C VAL B 186 15.99 1.08 -29.86
N ASN B 187 17.29 1.21 -30.07
CA ASN B 187 17.81 1.01 -31.41
C ASN B 187 17.50 -0.37 -31.94
N GLY B 188 16.91 -0.42 -33.15
CA GLY B 188 16.62 -1.67 -33.81
C GLY B 188 15.29 -2.31 -33.45
N ALA B 189 14.49 -1.68 -32.61
CA ALA B 189 13.20 -2.23 -32.22
C ALA B 189 12.23 -2.32 -33.39
N ALA B 190 11.47 -3.43 -33.42
CA ALA B 190 10.37 -3.52 -34.37
C ALA B 190 9.22 -2.62 -33.97
N TYR B 191 9.01 -2.43 -32.67
CA TYR B 191 7.98 -1.57 -32.14
C TYR B 191 8.59 -0.82 -30.96
N LEU B 192 8.24 0.46 -30.85
CA LEU B 192 8.41 1.24 -29.63
C LEU B 192 7.03 1.59 -29.11
N PHE B 193 6.73 1.20 -27.87
CA PHE B 193 5.49 1.55 -27.19
C PHE B 193 5.80 2.52 -26.07
N THR B 194 5.04 3.64 -26.00
CA THR B 194 5.03 4.52 -24.83
C THR B 194 3.66 5.23 -24.79
N ASN B 195 3.41 5.99 -23.72
CA ASN B 195 2.31 6.95 -23.76
C ASN B 195 2.89 8.32 -24.19
N ASP B 196 2.00 9.32 -24.31
CA ASP B 196 2.43 10.61 -24.86
C ASP B 196 3.43 11.33 -23.95
N TYR B 197 3.16 11.34 -22.63
CA TYR B 197 4.07 11.95 -21.67
C TYR B 197 5.44 11.26 -21.72
N GLU B 198 5.43 9.93 -21.76
CA GLU B 198 6.66 9.16 -21.86
C GLU B 198 7.40 9.42 -23.16
N TRP B 199 6.68 9.67 -24.26
CA TRP B 199 7.35 9.97 -25.52
C TRP B 199 8.13 11.28 -25.44
N ASP B 200 7.49 12.33 -24.91
CA ASP B 200 8.19 13.60 -24.72
C ASP B 200 9.40 13.42 -23.81
N LEU B 201 9.22 12.65 -22.74
CA LEU B 201 10.31 12.38 -21.79
C LEU B 201 11.44 11.63 -22.46
N LEU B 202 11.13 10.60 -23.24
CA LEU B 202 12.16 9.85 -23.94
C LEU B 202 12.97 10.76 -24.86
N LEU B 203 12.28 11.62 -25.62
CA LEU B 203 12.99 12.56 -26.50
C LEU B 203 13.90 13.48 -25.68
N SER B 204 13.40 14.01 -24.56
CA SER B 204 14.22 14.91 -23.75
C SER B 204 15.45 14.20 -23.19
N LYS B 205 15.29 12.97 -22.69
CA LYS B 205 16.38 12.30 -22.00
C LYS B 205 17.40 11.72 -22.95
N THR B 206 16.94 11.21 -24.10
CA THR B 206 17.87 10.65 -25.09
C THR B 206 18.62 11.75 -25.83
N GLY B 207 18.04 12.95 -25.91
CA GLY B 207 18.52 14.00 -26.79
C GLY B 207 18.24 13.76 -28.26
N TRP B 208 17.45 12.73 -28.58
CA TRP B 208 17.06 12.44 -29.94
C TRP B 208 15.90 13.32 -30.39
N SER B 209 15.90 13.72 -31.65
CA SER B 209 14.71 14.31 -32.22
C SER B 209 13.73 13.20 -32.60
N GLU B 210 12.51 13.60 -32.97
CA GLU B 210 11.50 12.67 -33.47
C GLU B 210 12.06 11.84 -34.63
N ALA B 211 12.70 12.52 -35.59
CA ALA B 211 13.24 11.84 -36.76
C ALA B 211 14.39 10.90 -36.39
N ASP B 212 15.22 11.29 -35.41
CA ASP B 212 16.30 10.42 -34.96
C ASP B 212 15.75 9.07 -34.49
N VAL B 213 14.65 9.09 -33.74
CA VAL B 213 14.06 7.86 -33.24
C VAL B 213 13.47 7.05 -34.39
N MET B 214 12.68 7.71 -35.24
CA MET B 214 11.97 6.99 -36.29
C MET B 214 12.94 6.29 -37.22
N ALA B 215 14.17 6.81 -37.37
CA ALA B 215 15.14 6.13 -38.21
C ALA B 215 15.69 4.85 -37.59
N GLN B 216 15.39 4.56 -36.32
CA GLN B 216 15.96 3.40 -35.66
C GLN B 216 14.94 2.33 -35.32
N ILE B 217 13.67 2.57 -35.60
CA ILE B 217 12.63 1.60 -35.27
C ILE B 217 11.74 1.41 -36.47
N ASP B 218 10.96 0.33 -36.43
CA ASP B 218 10.04 0.08 -37.56
C ASP B 218 8.66 0.70 -37.37
N LEU B 219 8.25 0.94 -36.13
CA LEU B 219 6.96 1.55 -35.84
C LEU B 219 6.94 2.13 -34.44
N ARG B 220 6.37 3.32 -34.32
CA ARG B 220 6.13 3.97 -33.06
C ARG B 220 4.64 3.85 -32.74
N VAL B 221 4.36 3.40 -31.54
CA VAL B 221 3.00 3.32 -31.03
C VAL B 221 2.95 4.18 -29.78
N THR B 222 2.11 5.22 -29.80
CA THR B 222 2.06 6.20 -28.73
C THR B 222 0.62 6.31 -28.24
N THR B 223 0.37 5.88 -27.00
CA THR B 223 -0.97 5.93 -26.47
C THR B 223 -1.24 7.29 -25.85
N LEU B 224 -2.50 7.73 -25.97
CA LEU B 224 -2.89 9.11 -25.71
C LEU B 224 -4.01 9.19 -24.68
N GLY B 225 -4.17 8.15 -23.87
CA GLY B 225 -5.23 8.16 -22.90
C GLY B 225 -6.60 8.23 -23.55
N PRO B 226 -7.45 9.16 -23.10
CA PRO B 226 -8.80 9.26 -23.69
C PRO B 226 -8.79 9.66 -25.14
N LYS B 227 -7.66 10.14 -25.66
CA LYS B 227 -7.57 10.54 -27.04
C LYS B 227 -7.18 9.40 -27.97
N GLY B 228 -6.97 8.20 -27.42
CA GLY B 228 -6.75 7.06 -28.28
C GLY B 228 -5.31 6.70 -28.44
N VAL B 229 -4.86 6.41 -29.67
CA VAL B 229 -3.52 5.93 -29.91
C VAL B 229 -3.06 6.40 -31.29
N ASP B 230 -1.75 6.68 -31.42
CA ASP B 230 -1.14 6.97 -32.71
C ASP B 230 -0.20 5.84 -33.10
N LEU B 231 -0.23 5.46 -34.39
CA LEU B 231 0.71 4.50 -34.96
C LEU B 231 1.45 5.25 -36.06
N VAL B 232 2.77 5.35 -35.95
CA VAL B 232 3.54 6.23 -36.83
C VAL B 232 4.64 5.40 -37.47
N GLU B 233 4.66 5.38 -38.80
CA GLU B 233 5.73 4.70 -39.52
C GLU B 233 6.90 5.64 -39.76
N PRO B 234 8.06 5.08 -40.09
CA PRO B 234 9.25 5.93 -40.31
C PRO B 234 9.08 6.93 -41.44
N ASP B 235 8.24 6.63 -42.43
CA ASP B 235 8.02 7.60 -43.50
C ASP B 235 6.98 8.67 -43.13
N GLY B 236 6.44 8.65 -41.91
CA GLY B 236 5.50 9.65 -41.46
C GLY B 236 4.05 9.25 -41.54
N THR B 237 3.76 8.14 -42.22
CA THR B 237 2.39 7.66 -42.34
C THR B 237 1.87 7.42 -40.93
N THR B 238 0.72 8.01 -40.62
CA THR B 238 0.19 8.04 -39.27
C THR B 238 -1.26 7.60 -39.25
N ILE B 239 -1.55 6.64 -38.37
CA ILE B 239 -2.89 6.13 -38.15
C ILE B 239 -3.29 6.52 -36.73
N HIS B 240 -4.42 7.18 -36.59
CA HIS B 240 -4.95 7.58 -35.30
C HIS B 240 -6.21 6.76 -35.06
N VAL B 241 -6.26 6.07 -33.93
CA VAL B 241 -7.43 5.27 -33.56
C VAL B 241 -7.97 5.79 -32.24
N GLY B 242 -9.23 6.22 -32.25
CA GLY B 242 -9.86 6.62 -31.01
C GLY B 242 -10.22 5.43 -30.14
N VAL B 243 -10.48 5.76 -28.86
CA VAL B 243 -10.79 4.74 -27.86
C VAL B 243 -12.11 4.07 -28.20
N VAL B 244 -12.31 2.88 -27.61
CA VAL B 244 -13.65 2.30 -27.50
C VAL B 244 -14.28 3.01 -26.30
N PRO B 245 -15.35 3.78 -26.47
CA PRO B 245 -15.84 4.59 -25.34
C PRO B 245 -16.29 3.73 -24.18
N GLU B 246 -15.92 4.16 -22.97
CA GLU B 246 -16.17 3.35 -21.78
C GLU B 246 -17.55 3.63 -21.20
N THR B 247 -18.11 2.64 -20.52
CA THR B 247 -19.32 2.84 -19.73
C THR B 247 -19.03 3.08 -18.25
N SER B 248 -17.78 2.99 -17.83
CA SER B 248 -17.38 3.28 -16.46
C SER B 248 -15.88 3.52 -16.52
N GLN B 249 -15.38 4.34 -15.62
CA GLN B 249 -13.94 4.36 -15.33
C GLN B 249 -13.80 3.69 -13.96
N THR B 250 -13.35 2.44 -13.95
CA THR B 250 -13.24 1.69 -12.70
C THR B 250 -11.84 1.77 -12.09
N ASP B 251 -10.81 1.40 -12.85
CA ASP B 251 -9.44 1.41 -12.34
C ASP B 251 -8.51 1.40 -13.56
N PRO B 252 -7.57 2.35 -13.66
CA PRO B 252 -6.74 2.43 -14.87
C PRO B 252 -5.56 1.47 -14.89
N THR B 253 -5.35 0.69 -13.84
CA THR B 253 -4.19 -0.18 -13.78
C THR B 253 -4.22 -1.22 -14.89
N GLY B 254 -3.13 -1.33 -15.63
CA GLY B 254 -2.99 -2.37 -16.63
C GLY B 254 -3.64 -2.06 -17.96
N VAL B 255 -4.20 -0.86 -18.14
CA VAL B 255 -4.87 -0.54 -19.40
C VAL B 255 -3.88 -0.52 -20.54
N GLY B 256 -2.70 0.07 -20.32
CA GLY B 256 -1.70 0.08 -21.36
C GLY B 256 -1.22 -1.31 -21.73
N ASP B 257 -0.97 -2.16 -20.70
CA ASP B 257 -0.60 -3.54 -20.97
C ASP B 257 -1.63 -4.23 -21.88
N ALA B 258 -2.92 -3.99 -21.60
CA ALA B 258 -4.01 -4.60 -22.36
C ALA B 258 -4.03 -4.11 -23.80
N PHE B 259 -3.83 -2.79 -24.00
CA PHE B 259 -3.76 -2.28 -25.35
C PHE B 259 -2.68 -3.00 -26.13
N ARG B 260 -1.47 -3.06 -25.53
CA ARG B 260 -0.34 -3.68 -26.22
C ARG B 260 -0.64 -5.13 -26.55
N ALA B 261 -1.21 -5.87 -25.61
CA ALA B 261 -1.49 -7.28 -25.87
C ALA B 261 -2.51 -7.47 -26.99
N GLY B 262 -3.58 -6.69 -26.99
CA GLY B 262 -4.56 -6.83 -28.05
C GLY B 262 -4.01 -6.44 -29.41
N PHE B 263 -3.24 -5.34 -29.46
CA PHE B 263 -2.61 -4.88 -30.69
C PHE B 263 -1.68 -5.95 -31.24
N LEU B 264 -0.81 -6.48 -30.38
CA LEU B 264 0.17 -7.45 -30.84
C LEU B 264 -0.48 -8.78 -31.19
N THR B 265 -1.59 -9.14 -30.52
CA THR B 265 -2.32 -10.35 -30.90
C THR B 265 -2.94 -10.17 -32.28
N GLY B 266 -3.56 -9.02 -32.52
CA GLY B 266 -4.00 -8.67 -33.86
C GLY B 266 -2.90 -8.80 -34.90
N ARG B 267 -1.72 -8.25 -34.61
CA ARG B 267 -0.62 -8.31 -35.57
C ARG B 267 -0.20 -9.75 -35.80
N SER B 268 -0.15 -10.55 -34.72
CA SER B 268 0.24 -11.95 -34.85
C SER B 268 -0.78 -12.72 -35.69
N ALA B 269 -2.04 -12.29 -35.69
CA ALA B 269 -3.07 -12.98 -36.46
C ALA B 269 -3.18 -12.45 -37.89
N GLY B 270 -2.30 -11.56 -38.31
CA GLY B 270 -2.31 -11.05 -39.67
C GLY B 270 -3.09 -9.78 -39.90
N LEU B 271 -3.63 -9.15 -38.87
CA LEU B 271 -4.36 -7.92 -39.10
C LEU B 271 -3.44 -6.75 -39.39
N GLY B 272 -3.96 -5.78 -40.13
CA GLY B 272 -3.24 -4.55 -40.38
C GLY B 272 -3.12 -3.68 -39.14
N LEU B 273 -2.42 -2.54 -39.31
CA LEU B 273 -2.13 -1.67 -38.16
C LEU B 273 -3.41 -1.10 -37.54
N GLU B 274 -4.30 -0.52 -38.35
CA GLU B 274 -5.51 0.05 -37.80
C GLU B 274 -6.39 -1.01 -37.11
N ARG B 275 -6.62 -2.12 -37.78
CA ARG B 275 -7.47 -3.15 -37.17
C ARG B 275 -6.89 -3.67 -35.88
N SER B 276 -5.56 -3.85 -35.85
CA SER B 276 -4.89 -4.32 -34.65
C SER B 276 -5.04 -3.31 -33.52
N ALA B 277 -4.95 -2.02 -33.84
CA ALA B 277 -5.12 -1.01 -32.80
C ALA B 277 -6.57 -0.90 -32.35
N GLN B 278 -7.54 -1.18 -33.24
CA GLN B 278 -8.93 -1.28 -32.82
C GLN B 278 -9.14 -2.42 -31.80
N LEU B 279 -8.56 -3.59 -32.08
CA LEU B 279 -8.64 -4.69 -31.11
C LEU B 279 -7.98 -4.32 -29.78
N GLY B 280 -6.79 -3.72 -29.85
CA GLY B 280 -6.13 -3.29 -28.62
C GLY B 280 -6.97 -2.32 -27.81
N SER B 281 -7.69 -1.42 -28.51
CA SER B 281 -8.53 -0.45 -27.82
C SER B 281 -9.68 -1.13 -27.10
N LEU B 282 -10.20 -2.20 -27.68
CA LEU B 282 -11.26 -2.94 -26.99
C LEU B 282 -10.73 -3.59 -25.72
N VAL B 283 -9.59 -4.28 -25.83
CA VAL B 283 -9.07 -4.93 -24.63
C VAL B 283 -8.78 -3.89 -23.56
N ALA B 284 -8.22 -2.75 -23.96
CA ALA B 284 -7.92 -1.68 -23.03
C ALA B 284 -9.17 -1.24 -22.26
N VAL B 285 -10.29 -1.02 -22.96
CA VAL B 285 -11.47 -0.52 -22.27
C VAL B 285 -12.01 -1.60 -21.33
N LEU B 286 -11.88 -2.86 -21.71
CA LEU B 286 -12.37 -3.92 -20.83
C LEU B 286 -11.59 -3.91 -19.52
N VAL B 287 -10.29 -3.60 -19.59
CA VAL B 287 -9.48 -3.49 -18.36
C VAL B 287 -9.82 -2.22 -17.59
N LEU B 288 -10.02 -1.09 -18.28
CA LEU B 288 -10.44 0.13 -17.58
C LEU B 288 -11.73 -0.09 -16.81
N GLU B 289 -12.60 -0.95 -17.30
CA GLU B 289 -13.89 -1.20 -16.67
C GLU B 289 -13.87 -2.28 -15.59
N SER B 290 -12.69 -2.77 -15.21
CA SER B 290 -12.58 -3.72 -14.12
C SER B 290 -11.46 -3.29 -13.17
N THR B 291 -11.36 -3.98 -12.03
CA THR B 291 -10.38 -3.56 -11.03
C THR B 291 -9.01 -4.22 -11.24
N GLY B 292 -8.94 -5.52 -11.15
CA GLY B 292 -7.67 -6.16 -11.49
C GLY B 292 -7.30 -5.94 -12.95
N THR B 293 -6.05 -6.27 -13.26
CA THR B 293 -5.54 -6.17 -14.62
C THR B 293 -5.91 -7.36 -15.47
N GLN B 294 -6.29 -8.49 -14.84
CA GLN B 294 -6.61 -9.75 -15.51
C GLN B 294 -7.98 -10.25 -15.09
N GLU B 295 -8.84 -9.33 -14.67
CA GLU B 295 -10.15 -9.68 -14.13
C GLU B 295 -11.25 -9.54 -15.16
N TRP B 296 -10.94 -9.00 -16.32
CA TRP B 296 -11.89 -8.86 -17.40
C TRP B 296 -12.19 -10.21 -18.02
N GLN B 297 -13.35 -10.30 -18.64
CA GLN B 297 -13.79 -11.51 -19.31
C GLN B 297 -13.88 -11.25 -20.81
N TRP B 298 -13.63 -12.30 -21.57
CA TRP B 298 -13.69 -12.24 -23.02
C TRP B 298 -15.04 -12.81 -23.45
N ASP B 299 -15.90 -11.93 -23.96
CA ASP B 299 -17.23 -12.25 -24.45
C ASP B 299 -17.21 -11.91 -25.94
N TYR B 300 -17.16 -12.92 -26.79
CA TYR B 300 -17.04 -12.71 -28.22
C TYR B 300 -18.13 -11.79 -28.79
N GLU B 301 -19.40 -12.04 -28.42
CA GLU B 301 -20.48 -11.22 -28.97
C GLU B 301 -20.38 -9.77 -28.50
N ALA B 302 -20.11 -9.57 -27.21
CA ALA B 302 -19.96 -8.20 -26.71
C ALA B 302 -18.78 -7.51 -27.37
N ALA B 303 -17.71 -8.27 -27.65
CA ALA B 303 -16.56 -7.67 -28.35
C ALA B 303 -16.94 -7.19 -29.74
N ALA B 304 -17.60 -8.06 -30.50
CA ALA B 304 -18.04 -7.69 -31.84
C ALA B 304 -18.96 -6.48 -31.79
N SER B 305 -19.86 -6.42 -30.80
CA SER B 305 -20.78 -5.30 -30.72
C SER B 305 -20.07 -3.98 -30.46
N ARG B 306 -19.18 -3.95 -29.46
CA ARG B 306 -18.55 -2.69 -29.11
C ARG B 306 -17.56 -2.25 -30.17
N LEU B 307 -16.89 -3.21 -30.83
CA LEU B 307 -16.04 -2.84 -31.95
C LEU B 307 -16.87 -2.22 -33.07
N ALA B 308 -18.04 -2.80 -33.36
CA ALA B 308 -18.87 -2.20 -34.41
C ALA B 308 -19.38 -0.83 -34.01
N GLY B 309 -19.77 -0.64 -32.75
CA GLY B 309 -20.28 0.67 -32.36
C GLY B 309 -19.23 1.75 -32.47
N ALA B 310 -17.96 1.40 -32.18
CA ALA B 310 -16.90 2.39 -32.27
C ALA B 310 -16.35 2.57 -33.68
N TYR B 311 -16.23 1.49 -34.44
CA TYR B 311 -15.43 1.50 -35.66
C TYR B 311 -16.19 1.04 -36.90
N GLY B 312 -17.44 0.65 -36.78
CA GLY B 312 -18.20 0.17 -37.93
C GLY B 312 -18.25 -1.34 -38.05
N GLU B 313 -19.33 -1.85 -38.66
CA GLU B 313 -19.51 -3.29 -38.73
C GLU B 313 -18.41 -3.96 -39.56
N HIS B 314 -17.92 -3.29 -40.62
CA HIS B 314 -16.91 -3.89 -41.47
C HIS B 314 -15.64 -4.21 -40.68
N ALA B 315 -15.13 -3.21 -39.95
CA ALA B 315 -13.95 -3.39 -39.11
C ALA B 315 -14.19 -4.46 -38.05
N ALA B 316 -15.34 -4.41 -37.37
CA ALA B 316 -15.63 -5.39 -36.33
C ALA B 316 -15.57 -6.81 -36.88
N ALA B 317 -16.24 -7.06 -38.01
CA ALA B 317 -16.24 -8.39 -38.59
C ALA B 317 -14.84 -8.84 -38.96
N GLU B 318 -14.04 -7.94 -39.56
CA GLU B 318 -12.67 -8.30 -39.90
C GLU B 318 -11.89 -8.73 -38.67
N ILE B 319 -12.11 -8.07 -37.53
CA ILE B 319 -11.31 -8.35 -36.33
C ILE B 319 -11.74 -9.66 -35.70
N VAL B 320 -13.04 -9.82 -35.46
CA VAL B 320 -13.47 -11.01 -34.75
C VAL B 320 -13.28 -12.23 -35.63
N ALA B 321 -13.12 -12.06 -36.95
CA ALA B 321 -12.88 -13.22 -37.81
C ALA B 321 -11.61 -13.97 -37.40
N VAL B 322 -10.62 -13.28 -36.84
CA VAL B 322 -9.40 -13.95 -36.41
C VAL B 322 -9.43 -14.38 -34.96
N LEU B 323 -10.57 -14.22 -34.27
CA LEU B 323 -10.69 -14.58 -32.86
C LEU B 323 -11.73 -15.68 -32.64
N ALA B 324 -12.28 -16.24 -33.71
CA ALA B 324 -13.25 -17.34 -33.60
C ALA B 324 -12.66 -18.62 -34.20
#